data_8TJE
#
_entry.id   8TJE
#
_cell.length_a   1.00
_cell.length_b   1.00
_cell.length_c   1.00
_cell.angle_alpha   90.00
_cell.angle_beta   90.00
_cell.angle_gamma   90.00
#
_symmetry.space_group_name_H-M   'P 1'
#
loop_
_entity.id
_entity.type
_entity.pdbx_description
1 polymer 'Major capsid protein'
2 polymer "DNA (5'-D(P*CP*G)-3')"
3 polymer "DNA (5'-D(P*CP*AP*GP*GP*CP*CP*AP*AP*A)-3')"
4 polymer "DNA (5'-D(P*TP*CP*GP*AP*A)-3')"
#
loop_
_entity_poly.entity_id
_entity_poly.type
_entity_poly.pdbx_seq_one_letter_code
_entity_poly.pdbx_strand_id
1 'polypeptide(L)'
;ATAILRPIGLHVEKFQQTYRKKWRFLTSANANVILAEAASGERPARWALTTGMASIPWEYLFFYMSPAEYNRMKNYPGTF
AKSASVRIRTWNTRVAFQTGDTQTANATLNQNKFLQVAKGIRSIPFICSTNRKYTYSDTEPMQPTGFATLTSYEYRDGLK
TAMYGYDNDNKDFAKKPPADATGAEIYLQDYLTIYTNDARATTGTKILAGFPPYKNFIEEFDASACINTDVVAMDYDFSY
APLVPQFAPVPNNLITQNYNGSYPAGTKNEVTAAKTTDSSQATAPTQVRNAPRKYIQGPHADTTFFDEEQNYLRVPIEQG
GIFEEVNVETVHDTQMPSINVGIRAVPKLTTIDETTQANSWLDAQGYFEVDCVLTTESVDPYTYIKGGCYSANTKSQLQY
FASDGRPIAKVYDNPNVYGRMQMIKTVKP
;
A
2 'polydeoxyribonucleotide' (DC)(DG) B
3 'polydeoxyribonucleotide' (DC)(DA)(DG)(DG)(DC)(DC)(DA)(DA)(DA) C
4 'polydeoxyribonucleotide' (DT)(DC)(DG)(DA)(DA) D
#
# COMPACT_ATOMS: atom_id res chain seq x y z
N ALA A 1 57.20 -17.77 -5.25
CA ALA A 1 56.70 -18.10 -3.91
C ALA A 1 55.27 -18.63 -3.98
N THR A 2 55.13 -19.93 -3.72
CA THR A 2 53.81 -20.56 -3.75
C THR A 2 53.00 -20.13 -2.53
N ALA A 3 51.70 -19.93 -2.73
CA ALA A 3 50.80 -19.53 -1.66
C ALA A 3 49.96 -20.72 -1.22
N ILE A 4 50.24 -21.27 -0.05
CA ILE A 4 49.44 -22.36 0.48
C ILE A 4 48.08 -21.87 0.93
N LEU A 5 48.01 -20.65 1.45
CA LEU A 5 46.77 -20.04 1.92
C LEU A 5 46.56 -18.69 1.22
N ARG A 6 45.30 -18.35 1.03
CA ARG A 6 44.92 -17.08 0.41
C ARG A 6 43.71 -16.52 1.15
N PRO A 7 43.53 -15.20 1.12
CA PRO A 7 42.37 -14.59 1.79
C PRO A 7 41.06 -14.85 1.04
N ILE A 8 40.51 -16.06 1.23
CA ILE A 8 39.27 -16.44 0.57
C ILE A 8 38.04 -15.81 1.23
N GLY A 9 38.20 -15.19 2.39
CA GLY A 9 37.08 -14.52 3.02
C GLY A 9 36.12 -15.49 3.70
N LEU A 10 34.89 -15.01 3.87
CA LEU A 10 33.85 -15.80 4.52
C LEU A 10 33.12 -16.68 3.52
N HIS A 11 32.41 -17.67 4.05
CA HIS A 11 31.52 -18.52 3.24
C HIS A 11 30.09 -18.00 3.33
N VAL A 12 29.80 -17.01 2.48
CA VAL A 12 28.47 -16.41 2.47
C VAL A 12 27.66 -17.01 1.32
N GLU A 13 26.48 -17.54 1.64
CA GLU A 13 25.60 -18.13 0.66
C GLU A 13 24.38 -17.23 0.47
N LYS A 14 24.10 -16.87 -0.77
CA LYS A 14 23.02 -15.96 -1.12
C LYS A 14 21.94 -16.70 -1.89
N PHE A 15 20.69 -16.57 -1.46
CA PHE A 15 19.56 -17.21 -2.09
C PHE A 15 18.64 -16.17 -2.71
N GLN A 16 18.10 -16.49 -3.88
CA GLN A 16 17.16 -15.62 -4.59
C GLN A 16 15.88 -16.38 -4.86
N GLN A 17 14.75 -15.74 -4.58
CA GLN A 17 13.43 -16.33 -4.80
C GLN A 17 12.53 -15.33 -5.49
N THR A 18 11.62 -15.84 -6.32
CA THR A 18 10.66 -15.03 -7.06
C THR A 18 9.28 -15.61 -6.88
N TYR A 19 8.27 -14.74 -6.82
CA TYR A 19 6.89 -15.13 -6.60
C TYR A 19 6.01 -14.51 -7.67
N ARG A 20 5.19 -15.33 -8.32
CA ARG A 20 4.32 -14.89 -9.39
C ARG A 20 2.87 -15.19 -9.05
N LYS A 21 2.00 -14.22 -9.33
CA LYS A 21 0.56 -14.39 -9.16
C LYS A 21 -0.17 -13.72 -10.31
N LYS A 22 -1.36 -14.23 -10.63
CA LYS A 22 -2.22 -13.63 -11.64
C LYS A 22 -3.62 -13.49 -11.08
N TRP A 23 -4.12 -12.26 -11.03
CA TRP A 23 -5.41 -11.96 -10.43
C TRP A 23 -6.34 -11.36 -11.47
N ARG A 24 -7.64 -11.63 -11.29
CA ARG A 24 -8.69 -11.05 -12.13
C ARG A 24 -9.59 -10.21 -11.25
N PHE A 25 -9.71 -8.93 -11.57
CA PHE A 25 -10.42 -7.98 -10.74
C PHE A 25 -11.60 -7.38 -11.51
N LEU A 26 -12.73 -7.24 -10.82
CA LEU A 26 -13.91 -6.59 -11.35
C LEU A 26 -14.17 -5.32 -10.55
N THR A 27 -14.22 -4.18 -11.25
CA THR A 27 -14.44 -2.88 -10.63
C THR A 27 -15.70 -2.25 -11.20
N SER A 28 -16.54 -1.72 -10.31
CA SER A 28 -17.76 -1.06 -10.74
C SER A 28 -17.47 0.39 -11.14
N ALA A 29 -18.33 0.94 -11.99
CA ALA A 29 -18.17 2.30 -12.49
C ALA A 29 -19.03 3.24 -11.63
N ASN A 30 -18.46 3.67 -10.51
CA ASN A 30 -19.17 4.55 -9.60
C ASN A 30 -19.34 5.94 -10.20
N ALA A 31 -20.43 6.59 -9.82
CA ALA A 31 -20.68 7.97 -10.25
C ALA A 31 -19.86 8.94 -9.41
N ASN A 32 -19.62 10.11 -9.95
CA ASN A 32 -18.93 11.19 -9.24
C ASN A 32 -19.96 11.98 -8.45
N VAL A 33 -20.05 11.70 -7.15
CA VAL A 33 -21.05 12.30 -6.27
C VAL A 33 -20.35 12.89 -5.07
N ILE A 34 -20.82 14.07 -4.65
CA ILE A 34 -20.29 14.76 -3.47
C ILE A 34 -20.99 14.22 -2.24
N LEU A 35 -20.21 13.75 -1.27
CA LEU A 35 -20.75 13.22 -0.02
C LEU A 35 -20.20 14.01 1.15
N ALA A 36 -21.06 14.25 2.13
CA ALA A 36 -20.69 15.01 3.32
C ALA A 36 -20.17 14.07 4.40
N GLU A 37 -18.96 14.34 4.88
CA GLU A 37 -18.34 13.57 5.95
C GLU A 37 -18.28 14.43 7.20
N ALA A 38 -18.90 13.95 8.28
CA ALA A 38 -18.99 14.73 9.51
C ALA A 38 -17.65 14.75 10.23
N ALA A 39 -17.42 15.82 10.99
CA ALA A 39 -16.21 15.93 11.78
C ALA A 39 -16.22 14.96 12.95
N SER A 40 -15.06 14.37 13.24
CA SER A 40 -14.95 13.42 14.34
C SER A 40 -13.52 13.46 14.86
N GLY A 41 -13.35 13.88 16.11
CA GLY A 41 -12.03 13.96 16.70
C GLY A 41 -11.17 14.96 15.95
N GLU A 42 -9.95 14.55 15.59
CA GLU A 42 -9.04 15.42 14.86
C GLU A 42 -9.50 15.69 13.44
N ARG A 43 -10.38 14.86 12.89
CA ARG A 43 -10.85 15.05 11.52
C ARG A 43 -11.86 16.19 11.46
N PRO A 44 -11.62 17.21 10.64
CA PRO A 44 -12.63 18.26 10.47
C PRO A 44 -13.70 17.83 9.47
N ALA A 45 -14.79 18.60 9.46
CA ALA A 45 -15.84 18.36 8.49
C ALA A 45 -15.33 18.64 7.08
N ARG A 46 -15.66 17.75 6.14
CA ARG A 46 -15.13 17.87 4.79
C ARG A 46 -16.13 17.33 3.78
N TRP A 47 -16.07 17.87 2.57
CA TRP A 47 -16.82 17.33 1.45
C TRP A 47 -15.97 16.31 0.70
N ALA A 48 -16.61 15.22 0.31
CA ALA A 48 -15.95 14.09 -0.33
C ALA A 48 -16.51 13.87 -1.72
N LEU A 49 -15.63 13.76 -2.70
CA LEU A 49 -15.99 13.52 -4.10
C LEU A 49 -15.51 12.12 -4.47
N THR A 50 -16.45 11.18 -4.64
CA THR A 50 -16.12 9.82 -4.96
C THR A 50 -15.65 9.71 -6.41
N THR A 51 -14.83 8.69 -6.68
CA THR A 51 -14.40 8.43 -8.04
C THR A 51 -14.41 6.93 -8.29
N GLY A 52 -14.64 6.54 -9.53
CA GLY A 52 -14.82 5.16 -9.89
C GLY A 52 -13.58 4.31 -10.07
N MET A 53 -12.38 4.87 -9.90
CA MET A 53 -11.18 4.05 -10.09
C MET A 53 -10.86 3.30 -8.79
N ALA A 54 -10.83 1.97 -8.87
CA ALA A 54 -10.45 1.12 -7.76
C ALA A 54 -8.93 1.05 -7.68
N SER A 55 -8.43 0.90 -6.45
CA SER A 55 -7.00 0.85 -6.23
C SER A 55 -6.49 -0.57 -6.37
N ILE A 56 -5.26 -0.71 -6.85
CA ILE A 56 -4.59 -2.01 -6.96
C ILE A 56 -3.60 -2.12 -5.82
N PRO A 57 -3.84 -2.98 -4.82
CA PRO A 57 -2.94 -3.08 -3.65
C PRO A 57 -1.64 -3.81 -3.96
N TRP A 58 -0.81 -3.19 -4.82
CA TRP A 58 0.45 -3.79 -5.20
C TRP A 58 1.58 -3.46 -4.25
N GLU A 59 1.31 -2.70 -3.19
CA GLU A 59 2.34 -2.34 -2.22
C GLU A 59 2.41 -3.29 -1.04
N TYR A 60 1.63 -4.37 -1.04
CA TYR A 60 1.53 -5.27 0.10
C TYR A 60 1.99 -6.67 -0.27
N LEU A 61 2.44 -7.42 0.74
CA LEU A 61 3.14 -8.67 0.51
C LEU A 61 2.20 -9.81 0.13
N PHE A 62 0.97 -9.79 0.67
CA PHE A 62 -0.02 -10.81 0.34
C PHE A 62 -0.39 -10.76 -1.14
N PHE A 63 -0.26 -9.61 -1.78
CA PHE A 63 -0.53 -9.50 -3.21
C PHE A 63 0.42 -10.37 -4.02
N TYR A 64 1.58 -10.72 -3.47
CA TYR A 64 2.59 -11.47 -4.19
C TYR A 64 2.81 -12.89 -3.67
N MET A 65 2.82 -13.11 -2.35
CA MET A 65 3.11 -14.44 -1.85
C MET A 65 1.91 -15.02 -1.12
N SER A 66 1.69 -16.32 -1.30
CA SER A 66 0.66 -17.07 -0.62
C SER A 66 1.07 -17.29 0.84
N PRO A 67 0.12 -17.67 1.70
CA PRO A 67 0.49 -17.93 3.11
C PRO A 67 1.58 -18.98 3.28
N ALA A 68 1.59 -20.04 2.47
CA ALA A 68 2.64 -21.04 2.59
C ALA A 68 4.00 -20.45 2.23
N GLU A 69 4.06 -19.67 1.15
CA GLU A 69 5.32 -19.04 0.78
C GLU A 69 5.78 -18.06 1.85
N TYR A 70 4.86 -17.33 2.45
CA TYR A 70 5.23 -16.40 3.53
C TYR A 70 5.75 -17.17 4.76
N ASN A 71 5.08 -18.27 5.11
CA ASN A 71 5.52 -19.06 6.25
C ASN A 71 6.90 -19.65 6.02
N ARG A 72 7.20 -20.08 4.80
CA ARG A 72 8.54 -20.59 4.53
C ARG A 72 9.56 -19.45 4.46
N MET A 73 9.17 -18.30 3.92
CA MET A 73 10.06 -17.14 3.89
C MET A 73 10.44 -16.69 5.29
N LYS A 74 9.57 -16.93 6.26
CA LYS A 74 9.92 -16.65 7.65
C LYS A 74 11.15 -17.43 8.11
N ASN A 75 11.49 -18.53 7.44
CA ASN A 75 12.59 -19.39 7.85
C ASN A 75 13.94 -18.97 7.26
N TYR A 76 13.99 -17.89 6.50
CA TYR A 76 15.23 -17.39 5.90
C TYR A 76 15.53 -16.00 6.45
N PRO A 77 16.34 -15.90 7.50
CA PRO A 77 16.69 -14.58 8.04
C PRO A 77 17.48 -13.77 7.03
N GLY A 78 17.32 -12.45 7.10
CA GLY A 78 17.97 -11.56 6.15
C GLY A 78 17.28 -11.48 4.81
N THR A 79 15.97 -11.71 4.76
CA THR A 79 15.23 -11.68 3.52
C THR A 79 14.85 -10.25 3.17
N PHE A 80 15.43 -9.73 2.09
CA PHE A 80 15.15 -8.39 1.60
C PHE A 80 14.43 -8.47 0.26
N ALA A 81 13.30 -7.79 0.16
CA ALA A 81 12.59 -7.73 -1.11
C ALA A 81 13.29 -6.75 -2.04
N LYS A 82 13.93 -7.29 -3.08
CA LYS A 82 14.72 -6.49 -4.00
C LYS A 82 13.90 -5.79 -5.08
N SER A 83 12.85 -6.42 -5.61
CA SER A 83 12.12 -5.76 -6.69
C SER A 83 10.69 -6.26 -6.74
N ALA A 84 9.82 -5.44 -7.35
CA ALA A 84 8.44 -5.79 -7.61
C ALA A 84 8.04 -5.29 -8.99
N SER A 85 7.08 -5.97 -9.60
CA SER A 85 6.60 -5.61 -10.92
C SER A 85 5.13 -5.97 -11.02
N VAL A 86 4.37 -5.11 -11.71
CA VAL A 86 2.94 -5.33 -11.91
C VAL A 86 2.56 -4.90 -13.32
N ARG A 87 1.82 -5.77 -14.01
CA ARG A 87 1.25 -5.46 -15.31
C ARG A 87 -0.25 -5.68 -15.28
N ILE A 88 -0.99 -4.65 -15.64
CA ILE A 88 -2.45 -4.68 -15.67
C ILE A 88 -2.87 -4.62 -17.13
N ARG A 89 -3.67 -5.59 -17.55
CA ARG A 89 -4.24 -5.68 -18.89
C ARG A 89 -5.75 -5.62 -18.76
N THR A 90 -6.42 -5.02 -19.73
CA THR A 90 -7.87 -4.85 -19.64
C THR A 90 -8.58 -5.68 -20.71
N TRP A 91 -9.70 -6.29 -20.31
CA TRP A 91 -10.57 -7.05 -21.19
C TRP A 91 -11.81 -6.24 -21.51
N ASN A 92 -12.79 -6.87 -22.14
CA ASN A 92 -14.01 -6.19 -22.55
C ASN A 92 -14.76 -5.64 -21.36
N THR A 93 -15.08 -4.35 -21.40
CA THR A 93 -15.87 -3.70 -20.35
C THR A 93 -17.35 -3.92 -20.63
N ARG A 94 -18.10 -4.27 -19.58
CA ARG A 94 -19.50 -4.62 -19.72
C ARG A 94 -20.39 -3.47 -19.23
N VAL A 95 -21.38 -3.12 -20.04
CA VAL A 95 -22.33 -2.07 -19.71
C VAL A 95 -23.75 -2.62 -19.88
N ALA A 96 -24.59 -2.38 -18.88
CA ALA A 96 -25.94 -2.92 -18.89
C ALA A 96 -26.76 -2.38 -20.06
N PHE A 97 -27.56 -3.26 -20.67
CA PHE A 97 -28.45 -2.83 -21.75
C PHE A 97 -29.54 -1.90 -21.24
N GLN A 98 -30.06 -2.17 -20.05
CA GLN A 98 -31.08 -1.33 -19.44
C GLN A 98 -31.12 -1.61 -17.94
N THR A 99 -31.37 -0.56 -17.16
CA THR A 99 -31.36 -0.69 -15.71
C THR A 99 -32.67 -1.30 -15.21
N GLY A 100 -32.79 -1.43 -13.88
CA GLY A 100 -34.01 -1.96 -13.31
C GLY A 100 -35.22 -1.10 -13.61
N ASP A 101 -35.04 0.21 -13.65
CA ASP A 101 -36.11 1.11 -14.06
C ASP A 101 -36.50 0.81 -15.50
N THR A 102 -37.80 0.88 -15.77
CA THR A 102 -38.32 0.58 -17.10
C THR A 102 -39.14 1.72 -17.69
N GLN A 103 -39.75 2.56 -16.86
CA GLN A 103 -40.56 3.67 -17.38
C GLN A 103 -39.71 4.65 -18.18
N THR A 104 -38.58 5.08 -17.62
CA THR A 104 -37.66 5.96 -18.35
C THR A 104 -36.26 5.34 -18.24
N ALA A 105 -35.97 4.42 -19.16
CA ALA A 105 -34.65 3.80 -19.25
C ALA A 105 -34.01 3.90 -20.61
N ASN A 106 -34.77 3.76 -21.70
CA ASN A 106 -34.30 3.96 -23.07
C ASN A 106 -33.03 3.15 -23.33
N ALA A 107 -33.21 1.83 -23.30
CA ALA A 107 -32.13 0.90 -23.60
C ALA A 107 -31.52 1.21 -24.96
N THR A 108 -30.21 1.05 -25.07
CA THR A 108 -29.47 1.45 -26.26
C THR A 108 -28.40 0.42 -26.60
N LEU A 109 -28.29 0.10 -27.88
CA LEU A 109 -27.17 -0.72 -28.35
C LEU A 109 -25.87 0.07 -28.36
N ASN A 110 -25.93 1.33 -28.80
CA ASN A 110 -24.75 2.18 -28.78
C ASN A 110 -24.38 2.56 -27.35
N GLN A 111 -23.08 2.70 -27.10
CA GLN A 111 -22.62 3.00 -25.76
C GLN A 111 -21.27 3.69 -25.81
N ASN A 112 -21.08 4.65 -24.91
CA ASN A 112 -19.79 5.31 -24.71
C ASN A 112 -19.14 4.69 -23.48
N LYS A 113 -17.85 4.37 -23.60
CA LYS A 113 -17.19 3.54 -22.60
C LYS A 113 -15.76 4.07 -22.43
N PHE A 114 -15.48 4.65 -21.27
CA PHE A 114 -14.21 5.31 -21.00
C PHE A 114 -13.54 4.70 -19.78
N LEU A 115 -12.22 4.54 -19.85
CA LEU A 115 -11.43 3.94 -18.79
C LEU A 115 -10.44 4.97 -18.26
N GLN A 116 -10.44 5.17 -16.94
CA GLN A 116 -9.57 6.11 -16.27
C GLN A 116 -8.46 5.38 -15.54
N VAL A 117 -7.23 5.91 -15.66
CA VAL A 117 -6.04 5.37 -15.04
C VAL A 117 -5.31 6.50 -14.32
N ALA A 118 -4.90 6.25 -13.08
CA ALA A 118 -4.17 7.21 -12.29
C ALA A 118 -2.97 6.51 -11.64
N LYS A 119 -1.83 7.19 -11.63
CA LYS A 119 -0.62 6.56 -11.15
C LYS A 119 0.08 7.31 -10.03
N GLY A 120 0.01 8.64 -10.02
CA GLY A 120 0.71 9.41 -9.01
C GLY A 120 -0.15 10.31 -8.17
N ILE A 121 -1.44 10.01 -8.06
CA ILE A 121 -2.36 10.86 -7.33
C ILE A 121 -2.01 10.92 -5.85
N ARG A 122 -1.60 9.78 -5.29
CA ARG A 122 -1.34 9.74 -3.84
C ARG A 122 -0.14 10.59 -3.45
N SER A 123 0.78 10.83 -4.39
CA SER A 123 1.97 11.61 -4.07
C SER A 123 1.83 13.09 -4.39
N ILE A 124 0.69 13.52 -4.90
CA ILE A 124 0.47 14.94 -5.23
C ILE A 124 0.20 15.72 -3.97
N PRO A 125 0.97 16.78 -3.69
CA PRO A 125 0.85 17.47 -2.39
C PRO A 125 -0.52 18.08 -2.11
N PHE A 126 -1.21 18.60 -3.13
CA PHE A 126 -2.41 19.40 -2.88
C PHE A 126 -3.71 18.63 -3.03
N ILE A 127 -3.72 17.49 -3.71
CA ILE A 127 -4.96 16.76 -3.92
C ILE A 127 -5.48 16.17 -2.61
N CYS A 128 -4.59 15.58 -1.81
CA CYS A 128 -4.92 15.00 -0.50
C CYS A 128 -6.11 14.04 -0.58
N SER A 129 -6.14 13.22 -1.62
CA SER A 129 -7.17 12.19 -1.76
C SER A 129 -6.83 10.97 -0.92
N THR A 130 -7.79 10.06 -0.80
CA THR A 130 -7.51 8.80 -0.11
C THR A 130 -8.45 7.71 -0.59
N ASN A 131 -8.16 6.49 -0.16
CA ASN A 131 -8.92 5.32 -0.58
C ASN A 131 -10.02 5.01 0.42
N ARG A 132 -11.25 4.91 -0.06
CA ARG A 132 -12.40 4.68 0.81
C ARG A 132 -13.38 3.73 0.14
N LYS A 133 -14.22 3.11 0.96
CA LYS A 133 -15.26 2.21 0.49
C LYS A 133 -16.63 2.82 0.77
N TYR A 134 -17.53 2.74 -0.21
CA TYR A 134 -18.81 3.41 -0.12
C TYR A 134 -19.95 2.43 0.17
N THR A 135 -21.11 2.99 0.53
CA THR A 135 -22.35 2.25 0.66
C THR A 135 -23.31 2.79 -0.39
N TYR A 136 -23.67 1.94 -1.36
CA TYR A 136 -24.43 2.40 -2.51
C TYR A 136 -25.92 2.45 -2.21
N SER A 137 -26.63 3.27 -2.98
CA SER A 137 -28.07 3.39 -2.84
C SER A 137 -28.77 2.20 -3.50
N ASP A 138 -29.99 1.94 -3.04
CA ASP A 138 -30.76 0.81 -3.58
C ASP A 138 -31.24 1.07 -5.00
N THR A 139 -31.78 2.26 -5.26
CA THR A 139 -32.30 2.59 -6.58
C THR A 139 -31.19 2.79 -7.61
N GLU A 140 -30.07 3.38 -7.21
CA GLU A 140 -28.93 3.64 -8.10
C GLU A 140 -27.70 2.94 -7.53
N PRO A 141 -27.42 1.71 -7.95
CA PRO A 141 -26.23 1.02 -7.43
C PRO A 141 -24.92 1.69 -7.79
N MET A 142 -24.91 2.55 -8.81
CA MET A 142 -23.69 3.27 -9.19
C MET A 142 -23.55 4.60 -8.47
N GLN A 143 -24.46 4.95 -7.57
CA GLN A 143 -24.40 6.21 -6.86
C GLN A 143 -24.07 5.99 -5.40
N PRO A 144 -22.86 6.27 -4.95
CA PRO A 144 -22.54 6.14 -3.52
C PRO A 144 -23.36 7.11 -2.68
N THR A 145 -23.71 6.67 -1.47
CA THR A 145 -24.45 7.51 -0.55
C THR A 145 -23.86 7.49 0.86
N GLY A 146 -22.57 7.28 1.01
CA GLY A 146 -21.94 7.23 2.31
C GLY A 146 -20.65 6.45 2.25
N PHE A 147 -20.15 6.10 3.43
CA PHE A 147 -18.90 5.35 3.56
C PHE A 147 -19.12 4.12 4.44
N ALA A 148 -18.53 3.00 4.03
CA ALA A 148 -18.59 1.80 4.83
C ALA A 148 -17.67 1.91 6.03
N THR A 149 -17.96 1.13 7.06
CA THR A 149 -17.17 1.16 8.28
C THR A 149 -15.89 0.33 8.17
N LEU A 150 -15.71 -0.42 7.08
CA LEU A 150 -14.53 -1.25 6.93
C LEU A 150 -13.29 -0.39 6.76
N THR A 151 -12.31 -0.58 7.63
CA THR A 151 -11.04 0.12 7.52
C THR A 151 -10.19 -0.50 6.41
N SER A 152 -9.04 0.12 6.16
CA SER A 152 -8.12 -0.40 5.16
C SER A 152 -7.60 -1.77 5.55
N TYR A 153 -7.30 -1.97 6.83
CA TYR A 153 -6.83 -3.27 7.30
C TYR A 153 -7.89 -4.34 7.08
N GLU A 154 -9.14 -4.04 7.42
CA GLU A 154 -10.23 -5.00 7.21
C GLU A 154 -10.45 -5.28 5.73
N TYR A 155 -10.39 -4.25 4.88
CA TYR A 155 -10.56 -4.45 3.45
C TYR A 155 -9.47 -5.36 2.89
N ARG A 156 -8.22 -5.12 3.29
CA ARG A 156 -7.13 -5.94 2.79
C ARG A 156 -7.21 -7.36 3.35
N ASP A 157 -7.66 -7.52 4.59
CA ASP A 157 -7.84 -8.87 5.14
C ASP A 157 -8.92 -9.62 4.38
N GLY A 158 -10.04 -8.95 4.07
CA GLY A 158 -11.07 -9.59 3.27
C GLY A 158 -10.60 -9.94 1.88
N LEU A 159 -9.81 -9.07 1.27
CA LEU A 159 -9.27 -9.35 -0.05
C LEU A 159 -8.33 -10.55 -0.02
N LYS A 160 -7.48 -10.64 1.01
CA LYS A 160 -6.59 -11.79 1.15
C LYS A 160 -7.38 -13.07 1.37
N THR A 161 -8.45 -12.98 2.18
CA THR A 161 -9.29 -14.15 2.40
C THR A 161 -9.95 -14.60 1.10
N ALA A 162 -10.42 -13.65 0.29
CA ALA A 162 -10.98 -14.01 -1.00
C ALA A 162 -9.94 -14.65 -1.91
N MET A 163 -8.71 -14.14 -1.86
CA MET A 163 -7.64 -14.66 -2.72
C MET A 163 -7.28 -16.10 -2.33
N TYR A 164 -7.05 -16.35 -1.05
CA TYR A 164 -6.43 -17.59 -0.62
C TYR A 164 -7.33 -18.53 0.19
N GLY A 165 -8.62 -18.25 0.30
CA GLY A 165 -9.53 -19.14 0.99
C GLY A 165 -9.31 -19.15 2.49
N TYR A 166 -10.09 -19.99 3.16
CA TYR A 166 -9.97 -20.20 4.60
C TYR A 166 -9.14 -21.43 4.90
N ASP A 167 -8.96 -21.70 6.19
CA ASP A 167 -8.38 -22.96 6.63
C ASP A 167 -9.39 -24.08 6.52
N ASN A 168 -8.89 -25.31 6.39
CA ASN A 168 -9.76 -26.46 6.20
C ASN A 168 -10.64 -26.73 7.43
N ASP A 169 -10.22 -26.28 8.61
CA ASP A 169 -11.01 -26.49 9.81
C ASP A 169 -12.04 -25.40 10.07
N ASN A 170 -12.03 -24.33 9.27
CA ASN A 170 -12.96 -23.22 9.47
C ASN A 170 -14.36 -23.60 9.02
N LYS A 171 -15.36 -23.12 9.76
CA LYS A 171 -16.75 -23.39 9.39
C LYS A 171 -17.16 -22.61 8.14
N ASP A 172 -16.57 -21.43 7.93
CA ASP A 172 -16.87 -20.63 6.75
C ASP A 172 -16.05 -21.03 5.54
N PHE A 173 -15.45 -22.22 5.54
CA PHE A 173 -14.58 -22.63 4.45
C PHE A 173 -15.33 -22.74 3.12
N ALA A 174 -16.61 -23.11 3.17
CA ALA A 174 -17.37 -23.29 1.95
C ALA A 174 -17.82 -21.97 1.34
N LYS A 175 -17.62 -20.85 2.04
CA LYS A 175 -18.14 -19.58 1.55
C LYS A 175 -17.29 -19.01 0.43
N LYS A 176 -15.98 -18.92 0.63
CA LYS A 176 -15.09 -18.24 -0.31
C LYS A 176 -14.04 -19.22 -0.82
N PRO A 177 -14.24 -19.79 -2.01
CA PRO A 177 -13.22 -20.68 -2.58
C PRO A 177 -11.96 -19.91 -2.91
N PRO A 178 -10.80 -20.55 -2.88
CA PRO A 178 -9.55 -19.85 -3.17
C PRO A 178 -9.50 -19.38 -4.62
N ALA A 179 -9.38 -18.05 -4.78
CA ALA A 179 -9.27 -17.49 -6.13
C ALA A 179 -7.95 -17.89 -6.78
N ASP A 180 -6.89 -18.06 -5.98
CA ASP A 180 -5.62 -18.51 -6.54
C ASP A 180 -5.73 -19.91 -7.11
N ALA A 181 -6.69 -20.70 -6.62
CA ALA A 181 -6.88 -22.05 -7.14
C ALA A 181 -7.87 -22.06 -8.29
N THR A 182 -8.97 -21.32 -8.17
CA THR A 182 -10.03 -21.40 -9.17
C THR A 182 -9.75 -20.56 -10.40
N GLY A 183 -9.09 -19.40 -10.24
CA GLY A 183 -8.97 -18.46 -11.33
C GLY A 183 -10.13 -17.51 -11.49
N ALA A 184 -11.06 -17.51 -10.54
CA ALA A 184 -12.20 -16.61 -10.61
C ALA A 184 -11.81 -15.16 -10.42
N GLU A 185 -12.79 -14.27 -10.41
CA GLU A 185 -12.50 -12.84 -10.24
C GLU A 185 -12.68 -12.42 -8.79
N ILE A 186 -12.27 -11.19 -8.48
CA ILE A 186 -12.41 -10.68 -7.13
C ILE A 186 -12.92 -9.26 -7.17
N TYR A 187 -14.16 -9.05 -6.72
CA TYR A 187 -14.73 -7.72 -6.81
C TYR A 187 -13.94 -6.74 -5.95
N LEU A 188 -13.45 -5.67 -6.56
CA LEU A 188 -12.76 -4.62 -5.84
C LEU A 188 -13.77 -3.60 -5.34
N GLN A 189 -13.62 -3.18 -4.09
CA GLN A 189 -14.60 -2.30 -3.45
C GLN A 189 -13.99 -1.04 -2.86
N ASP A 190 -12.70 -0.81 -3.03
CA ASP A 190 -12.03 0.36 -2.48
C ASP A 190 -11.71 1.31 -3.62
N TYR A 191 -12.25 2.53 -3.54
CA TYR A 191 -12.18 3.49 -4.63
C TYR A 191 -11.61 4.81 -4.14
N LEU A 192 -11.09 5.60 -5.07
CA LEU A 192 -10.47 6.88 -4.72
C LEU A 192 -11.53 7.91 -4.34
N THR A 193 -11.17 8.81 -3.43
CA THR A 193 -12.05 9.89 -3.00
C THR A 193 -11.23 11.15 -2.82
N ILE A 194 -11.64 12.21 -3.51
CA ILE A 194 -11.05 13.54 -3.36
C ILE A 194 -11.73 14.22 -2.18
N TYR A 195 -11.02 15.14 -1.54
CA TYR A 195 -11.55 15.82 -0.37
C TYR A 195 -11.38 17.32 -0.50
N THR A 196 -12.28 18.05 0.16
CA THR A 196 -12.17 19.50 0.26
C THR A 196 -12.77 19.94 1.58
N ASN A 197 -12.40 21.14 2.01
CA ASN A 197 -12.85 21.64 3.31
C ASN A 197 -14.34 21.97 3.27
N ASP A 198 -15.01 21.74 4.40
CA ASP A 198 -16.42 22.09 4.56
C ASP A 198 -16.50 23.41 5.33
N ALA A 199 -16.75 24.49 4.58
CA ALA A 199 -16.71 25.84 5.16
C ALA A 199 -18.03 26.25 5.80
N ARG A 200 -19.04 25.37 5.82
CA ARG A 200 -20.34 25.74 6.38
C ARG A 200 -20.24 26.08 7.87
N ALA A 201 -19.48 25.29 8.63
CA ALA A 201 -19.35 25.54 10.06
C ALA A 201 -18.14 26.39 10.41
N THR A 202 -17.33 26.77 9.42
CA THR A 202 -16.12 27.54 9.70
C THR A 202 -16.48 28.93 10.23
N THR A 203 -15.79 29.36 11.28
CA THR A 203 -15.99 30.68 11.87
C THR A 203 -14.78 31.54 11.59
N GLY A 204 -15.02 32.77 11.13
CA GLY A 204 -13.95 33.68 10.77
C GLY A 204 -13.62 33.63 9.29
N THR A 205 -12.34 33.66 8.96
CA THR A 205 -11.93 33.55 7.56
C THR A 205 -12.25 32.16 7.02
N LYS A 206 -12.57 32.10 5.73
CA LYS A 206 -12.97 30.85 5.09
C LYS A 206 -12.14 30.64 3.83
N ILE A 207 -11.88 29.37 3.52
CA ILE A 207 -11.27 28.98 2.26
C ILE A 207 -12.35 28.40 1.37
N LEU A 208 -12.65 29.09 0.28
CA LEU A 208 -13.74 28.70 -0.63
C LEU A 208 -13.19 28.27 -1.98
N ALA A 209 -12.09 27.52 -1.98
CA ALA A 209 -11.45 27.16 -3.24
C ALA A 209 -12.19 26.05 -3.97
N GLY A 210 -12.87 25.17 -3.25
CA GLY A 210 -13.54 24.04 -3.88
C GLY A 210 -12.59 22.88 -4.13
N PHE A 211 -13.02 21.98 -5.00
CA PHE A 211 -12.20 20.84 -5.35
C PHE A 211 -11.12 21.23 -6.35
N PRO A 212 -9.94 20.61 -6.26
CA PRO A 212 -8.92 20.79 -7.30
C PRO A 212 -9.31 20.04 -8.57
N PRO A 213 -8.85 20.49 -9.73
CA PRO A 213 -9.15 19.78 -10.98
C PRO A 213 -8.33 18.49 -11.13
N TYR A 214 -8.79 17.44 -10.45
CA TYR A 214 -8.02 16.19 -10.42
C TYR A 214 -8.09 15.46 -11.75
N LYS A 215 -9.02 15.83 -12.62
CA LYS A 215 -9.10 15.19 -13.94
C LYS A 215 -7.89 15.52 -14.80
N ASN A 216 -7.16 16.58 -14.46
CA ASN A 216 -5.96 16.94 -15.23
C ASN A 216 -4.78 16.03 -14.91
N PHE A 217 -4.90 15.16 -13.91
CA PHE A 217 -3.80 14.30 -13.49
C PHE A 217 -4.07 12.82 -13.77
N ILE A 218 -5.12 12.51 -14.53
CA ILE A 218 -5.45 11.12 -14.84
C ILE A 218 -5.55 10.95 -16.35
N GLU A 219 -5.17 9.77 -16.81
CA GLU A 219 -5.37 9.40 -18.20
C GLU A 219 -6.78 8.82 -18.39
N GLU A 220 -7.31 9.00 -19.59
CA GLU A 220 -8.61 8.43 -19.92
C GLU A 220 -8.58 7.90 -21.34
N PHE A 221 -9.08 6.67 -21.51
CA PHE A 221 -8.99 5.97 -22.78
C PHE A 221 -10.37 5.48 -23.18
N ASP A 222 -10.56 5.30 -24.48
CA ASP A 222 -11.79 4.72 -24.98
C ASP A 222 -11.79 3.21 -24.76
N ALA A 223 -12.66 2.73 -23.87
CA ALA A 223 -12.63 1.32 -23.49
C ALA A 223 -13.00 0.41 -24.64
N SER A 224 -13.69 0.93 -25.66
CA SER A 224 -14.03 0.11 -26.81
C SER A 224 -12.78 -0.33 -27.58
N ALA A 225 -11.80 0.56 -27.72
CA ALA A 225 -10.57 0.25 -28.44
C ALA A 225 -9.48 -0.33 -27.56
N CYS A 226 -9.75 -0.53 -26.27
CA CYS A 226 -8.75 -1.07 -25.35
C CYS A 226 -8.92 -2.55 -25.07
N ILE A 227 -9.78 -3.25 -25.81
CA ILE A 227 -10.02 -4.66 -25.54
C ILE A 227 -8.72 -5.45 -25.70
N ASN A 228 -8.36 -6.18 -24.65
CA ASN A 228 -7.16 -7.02 -24.64
C ASN A 228 -5.89 -6.21 -24.88
N THR A 229 -5.70 -5.17 -24.07
CA THR A 229 -4.54 -4.30 -24.19
C THR A 229 -3.89 -4.07 -22.83
N ASP A 230 -2.57 -3.93 -22.83
CA ASP A 230 -1.84 -3.57 -21.62
C ASP A 230 -2.10 -2.12 -21.27
N VAL A 231 -2.66 -1.89 -20.08
CA VAL A 231 -2.94 -0.55 -19.60
C VAL A 231 -1.85 -0.05 -18.65
N VAL A 232 -1.40 -0.89 -17.71
CA VAL A 232 -0.44 -0.46 -16.70
C VAL A 232 0.75 -1.39 -16.72
N ALA A 233 1.95 -0.83 -16.60
CA ALA A 233 3.16 -1.62 -16.46
C ALA A 233 4.14 -0.85 -15.56
N MET A 234 4.27 -1.30 -14.31
CA MET A 234 5.07 -0.59 -13.33
C MET A 234 6.12 -1.53 -12.73
N ASP A 235 7.33 -1.00 -12.58
CA ASP A 235 8.43 -1.70 -11.92
C ASP A 235 8.90 -0.84 -10.75
N TYR A 236 9.31 -1.50 -9.66
CA TYR A 236 9.74 -0.78 -8.46
C TYR A 236 10.88 -1.54 -7.80
N ASP A 237 12.04 -0.91 -7.72
CA ASP A 237 13.17 -1.48 -6.99
C ASP A 237 13.17 -0.93 -5.57
N PHE A 238 13.02 -1.82 -4.59
CA PHE A 238 12.89 -1.40 -3.20
C PHE A 238 14.22 -0.88 -2.69
N SER A 239 14.19 0.29 -2.05
CA SER A 239 15.40 0.82 -1.42
C SER A 239 15.77 0.01 -0.19
N TYR A 240 14.80 -0.26 0.67
CA TYR A 240 15.01 -1.06 1.87
C TYR A 240 13.69 -1.69 2.30
N ALA A 241 13.64 -3.01 2.30
CA ALA A 241 12.41 -3.70 2.66
C ALA A 241 12.74 -5.01 3.38
N PRO A 242 13.16 -4.95 4.64
CA PRO A 242 13.49 -6.19 5.36
C PRO A 242 12.22 -6.94 5.75
N LEU A 243 12.09 -8.16 5.22
CA LEU A 243 10.95 -9.01 5.52
C LEU A 243 11.20 -9.93 6.70
N VAL A 244 12.45 -10.34 6.93
CA VAL A 244 12.81 -11.17 8.07
C VAL A 244 14.04 -10.53 8.71
N PRO A 245 14.12 -10.44 10.04
CA PRO A 245 15.31 -9.81 10.66
C PRO A 245 16.58 -10.56 10.32
N GLN A 246 17.68 -9.80 10.23
CA GLN A 246 18.98 -10.38 9.94
C GLN A 246 19.41 -11.33 11.05
N PHE A 247 20.40 -12.16 10.73
CA PHE A 247 20.94 -13.09 11.72
C PHE A 247 21.57 -12.34 12.88
N ALA A 248 21.36 -12.84 14.08
CA ALA A 248 21.87 -12.16 15.26
C ALA A 248 23.38 -12.28 15.32
N PRO A 249 24.11 -11.18 15.40
CA PRO A 249 25.57 -11.24 15.48
C PRO A 249 26.03 -11.69 16.85
N VAL A 250 27.30 -12.07 16.92
CA VAL A 250 27.92 -12.44 18.19
C VAL A 250 28.20 -11.15 18.95
N PRO A 251 27.64 -10.97 20.14
CA PRO A 251 27.83 -9.71 20.86
C PRO A 251 29.28 -9.52 21.28
N ASN A 252 29.76 -8.28 21.15
CA ASN A 252 31.13 -7.98 21.57
C ASN A 252 31.23 -7.69 23.06
N ASN A 253 30.10 -7.59 23.76
CA ASN A 253 30.12 -7.39 25.20
C ASN A 253 30.64 -8.61 25.94
N LEU A 254 30.45 -9.81 25.41
CA LEU A 254 30.95 -11.03 26.03
C LEU A 254 32.42 -11.26 25.77
N ILE A 255 33.06 -10.44 24.96
CA ILE A 255 34.45 -10.64 24.57
C ILE A 255 35.31 -9.48 25.04
N THR A 256 34.94 -8.26 24.66
CA THR A 256 35.78 -7.09 24.85
C THR A 256 35.06 -6.06 25.71
N GLN A 257 35.84 -5.34 26.54
CA GLN A 257 35.31 -4.23 27.31
C GLN A 257 35.12 -2.97 26.46
N ASN A 258 35.53 -3.01 25.19
CA ASN A 258 35.47 -1.86 24.28
C ASN A 258 34.10 -1.67 23.67
N TYR A 259 33.12 -2.53 23.99
CA TYR A 259 31.86 -2.54 23.26
C TYR A 259 31.13 -1.20 23.33
N ASN A 260 31.31 -0.45 24.42
CA ASN A 260 30.60 0.81 24.60
C ASN A 260 31.40 2.02 24.15
N GLY A 261 32.55 1.81 23.51
CA GLY A 261 33.39 2.93 23.12
C GLY A 261 32.77 3.76 22.01
N SER A 262 33.06 5.05 22.01
CA SER A 262 32.59 5.95 20.97
C SER A 262 33.63 6.11 19.88
N TYR A 263 33.20 6.66 18.75
CA TYR A 263 34.08 6.92 17.62
C TYR A 263 33.50 8.08 16.82
N PRO A 264 34.34 8.94 16.23
CA PRO A 264 33.83 10.15 15.58
C PRO A 264 33.15 9.83 14.27
N ALA A 265 31.94 10.36 14.09
CA ALA A 265 31.24 10.22 12.83
C ALA A 265 31.58 11.33 11.84
N GLY A 266 32.31 12.35 12.27
CA GLY A 266 32.60 13.46 11.39
C GLY A 266 31.36 14.29 11.10
N THR A 267 31.33 14.90 9.93
CA THR A 267 30.17 15.67 9.49
C THR A 267 29.10 14.79 8.87
N LYS A 268 29.38 13.52 8.64
CA LYS A 268 28.39 12.61 8.08
C LYS A 268 27.31 12.29 9.11
N ASN A 269 26.07 12.14 8.64
CA ASN A 269 24.94 11.79 9.49
C ASN A 269 24.82 10.28 9.52
N GLU A 270 25.26 9.67 10.63
CA GLU A 270 25.20 8.22 10.75
C GLU A 270 23.86 7.76 11.31
N VAL A 271 23.12 8.64 11.98
CA VAL A 271 21.87 8.31 12.65
C VAL A 271 20.72 8.96 11.90
N THR A 272 19.71 8.19 11.56
CA THR A 272 18.53 8.71 10.87
C THR A 272 17.76 9.67 11.77
N ALA A 273 17.13 10.66 11.14
CA ALA A 273 16.42 11.71 11.85
C ALA A 273 14.95 11.70 11.46
N ALA A 274 14.07 11.91 12.44
CA ALA A 274 12.64 11.98 12.17
C ALA A 274 12.21 13.43 12.05
N LYS A 275 11.37 13.71 11.05
CA LYS A 275 10.89 15.05 10.76
C LYS A 275 9.42 15.16 11.08
N THR A 276 9.07 16.10 11.95
CA THR A 276 7.70 16.40 12.31
C THR A 276 7.28 17.73 11.70
N THR A 277 6.15 17.73 11.01
CA THR A 277 5.68 18.92 10.32
C THR A 277 4.25 19.24 10.74
N ASP A 278 3.88 20.51 10.59
CA ASP A 278 2.55 20.99 10.95
C ASP A 278 2.01 21.76 9.74
N SER A 279 1.02 21.17 9.06
CA SER A 279 0.42 21.83 7.90
C SER A 279 -0.48 22.99 8.29
N SER A 280 -0.86 23.10 9.56
CA SER A 280 -1.68 24.22 10.03
C SER A 280 -0.86 25.48 10.26
N GLN A 281 0.46 25.40 10.11
CA GLN A 281 1.39 26.52 10.25
C GLN A 281 1.41 27.10 11.66
N ALA A 282 0.88 26.37 12.64
CA ALA A 282 0.98 26.81 14.03
C ALA A 282 2.34 26.51 14.65
N THR A 283 3.16 25.69 14.00
CA THR A 283 4.46 25.31 14.54
C THR A 283 5.39 24.99 13.38
N ALA A 284 6.63 25.48 13.47
CA ALA A 284 7.63 25.25 12.44
C ALA A 284 8.04 23.78 12.38
N PRO A 285 8.46 23.31 11.21
CA PRO A 285 8.92 21.91 11.12
C PRO A 285 10.13 21.67 12.02
N THR A 286 10.22 20.46 12.56
CA THR A 286 11.27 20.09 13.49
C THR A 286 11.92 18.80 13.02
N GLN A 287 13.25 18.73 13.14
CA GLN A 287 14.00 17.52 12.84
C GLN A 287 14.70 17.06 14.10
N VAL A 288 14.50 15.79 14.46
CA VAL A 288 15.00 15.25 15.72
C VAL A 288 15.83 14.01 15.42
N ARG A 289 17.08 14.00 15.86
CA ARG A 289 17.90 12.80 15.78
C ARG A 289 17.80 12.01 17.08
N ASN A 290 18.45 10.84 17.09
CA ASN A 290 18.40 9.91 18.22
C ASN A 290 16.96 9.57 18.58
N ALA A 291 16.15 9.32 17.56
CA ALA A 291 14.75 8.97 17.78
C ALA A 291 14.65 7.64 18.52
N PRO A 292 13.61 7.45 19.33
CA PRO A 292 13.46 6.20 20.07
C PRO A 292 13.39 5.00 19.14
N ARG A 293 14.39 4.14 19.24
CA ARG A 293 14.44 2.95 18.39
C ARG A 293 15.19 1.86 19.14
N LYS A 294 14.99 0.62 18.70
CA LYS A 294 15.64 -0.51 19.36
C LYS A 294 15.88 -1.62 18.36
N TYR A 295 16.84 -2.49 18.72
CA TYR A 295 17.31 -3.53 17.80
C TYR A 295 16.21 -4.56 17.54
N ILE A 296 16.22 -5.12 16.33
CA ILE A 296 15.25 -6.15 15.96
C ILE A 296 15.83 -7.55 16.00
N GLN A 297 17.11 -7.70 16.34
CA GLN A 297 17.71 -9.02 16.53
C GLN A 297 18.91 -8.87 17.46
N GLY A 298 19.17 -9.92 18.23
CA GLY A 298 20.28 -9.93 19.15
C GLY A 298 19.85 -10.15 20.58
N PRO A 299 20.74 -9.84 21.53
CA PRO A 299 20.43 -10.10 22.94
C PRO A 299 19.19 -9.38 23.45
N HIS A 300 18.95 -8.15 23.01
CA HIS A 300 17.82 -7.35 23.46
C HIS A 300 16.85 -7.09 22.31
N ALA A 301 16.58 -8.12 21.53
CA ALA A 301 15.74 -7.99 20.35
C ALA A 301 14.30 -7.68 20.75
N ASP A 302 13.64 -6.88 19.91
CA ASP A 302 12.21 -6.64 20.01
C ASP A 302 11.61 -6.91 18.63
N THR A 303 11.13 -8.12 18.42
CA THR A 303 10.63 -8.57 17.11
C THR A 303 9.11 -8.47 17.04
N THR A 304 8.53 -7.45 17.65
CA THR A 304 7.07 -7.33 17.68
C THR A 304 6.50 -7.22 16.28
N PHE A 305 7.12 -6.41 15.43
CA PHE A 305 6.63 -6.19 14.07
C PHE A 305 6.57 -7.50 13.28
N PHE A 306 7.68 -8.23 13.25
CA PHE A 306 7.75 -9.43 12.43
C PHE A 306 6.96 -10.58 13.03
N ASP A 307 6.87 -10.60 14.36
CA ASP A 307 6.05 -11.61 15.01
C ASP A 307 4.60 -11.34 14.69
N GLU A 308 4.23 -10.07 14.61
CA GLU A 308 2.85 -9.70 14.27
C GLU A 308 2.61 -9.79 12.77
N GLU A 309 3.67 -9.99 11.99
CA GLU A 309 3.53 -10.12 10.55
C GLU A 309 2.87 -8.88 9.96
N GLN A 310 3.08 -7.73 10.58
CA GLN A 310 2.48 -6.50 10.10
C GLN A 310 2.81 -6.24 8.63
N ASN A 311 3.93 -6.78 8.17
CA ASN A 311 4.35 -6.52 6.80
C ASN A 311 3.59 -7.38 5.79
N TYR A 312 2.78 -8.32 6.24
CA TYR A 312 2.04 -9.17 5.29
C TYR A 312 0.98 -8.38 4.55
N LEU A 313 0.00 -7.84 5.28
CA LEU A 313 -1.05 -7.04 4.66
C LEU A 313 -1.39 -5.76 5.42
N ARG A 314 -0.88 -5.56 6.64
CA ARG A 314 -1.23 -4.37 7.41
C ARG A 314 -0.27 -3.22 7.13
N VAL A 315 0.96 -3.53 6.75
CA VAL A 315 1.99 -2.52 6.52
C VAL A 315 2.62 -2.76 5.15
N PRO A 316 2.88 -1.71 4.37
CA PRO A 316 3.45 -1.91 3.04
C PRO A 316 4.85 -2.51 3.09
N ILE A 317 5.26 -3.09 1.96
CA ILE A 317 6.58 -3.71 1.86
C ILE A 317 7.68 -2.67 2.02
N GLU A 318 7.53 -1.53 1.34
CA GLU A 318 8.56 -0.50 1.35
C GLU A 318 8.60 0.19 2.72
N GLN A 319 9.74 0.07 3.40
CA GLN A 319 9.89 0.66 4.72
C GLN A 319 11.19 1.44 4.88
N GLY A 320 11.60 2.20 3.87
CA GLY A 320 12.78 3.03 3.98
C GLY A 320 12.65 4.10 5.03
N GLY A 321 13.73 4.39 5.75
CA GLY A 321 13.69 5.37 6.81
C GLY A 321 13.27 4.78 8.14
N ILE A 322 12.36 3.82 8.11
CA ILE A 322 11.92 3.16 9.35
C ILE A 322 13.06 2.36 9.96
N PHE A 323 13.74 1.56 9.14
CA PHE A 323 14.77 0.65 9.63
C PHE A 323 16.14 1.28 9.44
N GLU A 324 16.96 1.22 10.48
CA GLU A 324 18.31 1.75 10.48
C GLU A 324 19.29 0.61 10.65
N GLU A 325 20.48 0.75 10.06
CA GLU A 325 21.56 -0.21 10.25
C GLU A 325 22.74 0.48 10.92
N VAL A 326 23.49 -0.30 11.70
CA VAL A 326 24.66 0.28 12.38
C VAL A 326 25.80 0.53 11.40
N ASN A 327 25.74 -0.05 10.20
CA ASN A 327 26.76 0.18 9.19
C ASN A 327 26.75 1.65 8.76
N VAL A 328 27.90 2.13 8.30
CA VAL A 328 28.01 3.50 7.80
C VAL A 328 27.15 3.60 6.55
N GLU A 329 26.02 4.30 6.65
CA GLU A 329 24.97 4.21 5.64
C GLU A 329 24.42 5.59 5.33
N THR A 330 23.61 5.63 4.27
CA THR A 330 22.81 6.78 3.92
C THR A 330 21.37 6.33 3.73
N VAL A 331 20.43 7.10 4.29
CA VAL A 331 19.02 6.72 4.32
C VAL A 331 18.18 7.89 3.83
N HIS A 332 17.20 7.57 2.98
CA HIS A 332 16.27 8.57 2.47
C HIS A 332 14.85 7.99 2.53
N ASP A 333 13.88 8.89 2.63
CA ASP A 333 12.48 8.47 2.68
C ASP A 333 12.05 7.88 1.34
N THR A 334 11.23 6.83 1.41
CA THR A 334 10.78 6.11 0.21
C THR A 334 9.29 5.88 0.28
N GLN A 335 8.65 5.84 -0.88
CA GLN A 335 7.22 5.55 -0.98
C GLN A 335 6.94 4.93 -2.33
N MET A 336 5.76 4.30 -2.46
CA MET A 336 5.43 3.62 -3.69
C MET A 336 4.31 4.34 -4.44
N PRO A 337 4.33 4.28 -5.76
CA PRO A 337 3.23 4.86 -6.54
C PRO A 337 1.93 4.10 -6.32
N SER A 338 0.81 4.80 -6.50
CA SER A 338 -0.52 4.25 -6.26
C SER A 338 -1.21 4.08 -7.61
N ILE A 339 -1.56 2.83 -7.92
CA ILE A 339 -2.24 2.53 -9.18
C ILE A 339 -3.74 2.49 -8.95
N ASN A 340 -4.48 3.29 -9.71
CA ASN A 340 -5.93 3.31 -9.68
C ASN A 340 -6.45 3.13 -11.10
N VAL A 341 -7.36 2.18 -11.29
CA VAL A 341 -7.94 1.92 -12.60
C VAL A 341 -9.44 1.74 -12.44
N GLY A 342 -10.20 2.23 -13.41
CA GLY A 342 -11.64 1.99 -13.35
C GLY A 342 -12.37 2.65 -14.49
N ILE A 343 -13.58 2.16 -14.72
CA ILE A 343 -14.43 2.63 -15.81
C ILE A 343 -15.24 3.82 -15.31
N ARG A 344 -15.39 4.83 -16.16
CA ARG A 344 -16.25 5.95 -15.84
C ARG A 344 -17.72 5.55 -15.95
N ALA A 345 -18.55 6.11 -15.08
CA ALA A 345 -19.97 5.81 -15.10
C ALA A 345 -20.62 6.26 -16.40
N VAL A 346 -21.52 5.44 -16.93
CA VAL A 346 -22.18 5.71 -18.20
C VAL A 346 -23.52 6.36 -17.91
N PRO A 347 -23.74 7.61 -18.33
CA PRO A 347 -25.03 8.27 -18.08
C PRO A 347 -26.17 7.54 -18.76
N LYS A 348 -27.33 7.54 -18.11
CA LYS A 348 -28.53 6.97 -18.71
C LYS A 348 -29.02 7.88 -19.83
N LEU A 349 -29.71 7.27 -20.80
CA LEU A 349 -30.16 8.02 -21.98
C LEU A 349 -31.29 8.98 -21.66
N THR A 350 -31.92 8.88 -20.49
CA THR A 350 -33.04 9.74 -20.16
C THR A 350 -32.61 11.21 -20.13
N THR A 351 -33.53 12.09 -20.50
CA THR A 351 -33.24 13.51 -20.58
C THR A 351 -33.25 14.13 -19.19
N ILE A 352 -32.61 15.30 -19.09
CA ILE A 352 -32.51 16.04 -17.84
C ILE A 352 -33.10 17.43 -18.06
N ASP A 353 -33.92 17.88 -17.10
CA ASP A 353 -34.64 19.12 -17.25
C ASP A 353 -33.75 20.35 -17.16
N GLU A 354 -32.61 20.26 -16.49
CA GLU A 354 -31.76 21.43 -16.27
C GLU A 354 -30.31 21.07 -16.58
N THR A 355 -29.50 22.10 -16.78
CA THR A 355 -28.09 21.91 -17.11
C THR A 355 -27.35 21.42 -15.87
N THR A 356 -27.04 20.13 -15.84
CA THR A 356 -26.32 19.51 -14.74
C THR A 356 -25.79 18.16 -15.21
N GLN A 357 -25.03 17.50 -14.34
CA GLN A 357 -24.52 16.18 -14.66
C GLN A 357 -25.67 15.17 -14.72
N ALA A 358 -25.32 13.94 -15.09
CA ALA A 358 -26.31 12.88 -15.20
C ALA A 358 -26.96 12.60 -13.86
N ASN A 359 -28.26 12.32 -13.89
CA ASN A 359 -28.99 11.99 -12.67
C ASN A 359 -29.05 10.49 -12.41
N SER A 360 -28.93 9.66 -13.45
CA SER A 360 -28.92 8.22 -13.30
C SER A 360 -27.87 7.64 -14.23
N TRP A 361 -27.32 6.49 -13.84
CA TRP A 361 -26.21 5.89 -14.56
C TRP A 361 -26.48 4.42 -14.83
N LEU A 362 -26.00 3.94 -15.97
CA LEU A 362 -26.07 2.53 -16.30
C LEU A 362 -25.01 1.75 -15.52
N ASP A 363 -25.34 0.51 -15.17
CA ASP A 363 -24.38 -0.33 -14.49
C ASP A 363 -23.24 -0.71 -15.43
N ALA A 364 -22.03 -0.74 -14.91
CA ALA A 364 -20.86 -1.07 -15.71
C ALA A 364 -19.84 -1.80 -14.86
N GLN A 365 -19.02 -2.62 -15.52
CA GLN A 365 -17.97 -3.38 -14.86
C GLN A 365 -16.75 -3.45 -15.76
N GLY A 366 -15.58 -3.22 -15.18
CA GLY A 366 -14.34 -3.42 -15.92
C GLY A 366 -13.69 -4.75 -15.53
N TYR A 367 -12.96 -5.31 -16.49
CA TYR A 367 -12.31 -6.61 -16.32
C TYR A 367 -10.81 -6.41 -16.43
N PHE A 368 -10.10 -6.65 -15.34
CA PHE A 368 -8.67 -6.38 -15.27
C PHE A 368 -7.92 -7.65 -14.90
N GLU A 369 -6.96 -8.04 -15.74
CA GLU A 369 -6.04 -9.12 -15.43
C GLU A 369 -4.74 -8.51 -14.91
N VAL A 370 -4.36 -8.85 -13.68
CA VAL A 370 -3.17 -8.30 -13.03
C VAL A 370 -2.15 -9.42 -12.86
N ASP A 371 -0.95 -9.20 -13.36
CA ASP A 371 0.16 -10.13 -13.21
C ASP A 371 1.24 -9.45 -12.40
N CYS A 372 1.58 -10.04 -11.26
CA CYS A 372 2.51 -9.42 -10.32
C CYS A 372 3.65 -10.38 -10.00
N VAL A 373 4.85 -9.83 -9.90
CA VAL A 373 6.06 -10.58 -9.60
C VAL A 373 6.82 -9.87 -8.49
N LEU A 374 7.33 -10.64 -7.54
CA LEU A 374 8.14 -10.10 -6.45
C LEU A 374 9.41 -10.92 -6.34
N THR A 375 10.56 -10.23 -6.37
CA THR A 375 11.87 -10.86 -6.29
C THR A 375 12.54 -10.43 -4.99
N THR A 376 13.04 -11.42 -4.24
CA THR A 376 13.69 -11.19 -2.95
C THR A 376 15.05 -11.86 -2.93
N GLU A 377 15.80 -11.59 -1.86
CA GLU A 377 17.14 -12.15 -1.66
C GLU A 377 17.35 -12.49 -0.19
N SER A 378 18.27 -13.42 0.06
CA SER A 378 18.57 -13.87 1.42
C SER A 378 20.06 -14.11 1.54
N VAL A 379 20.56 -14.07 2.78
CA VAL A 379 21.99 -14.18 3.05
C VAL A 379 22.21 -15.05 4.28
N ASP A 380 23.19 -15.96 4.20
CA ASP A 380 23.65 -16.74 5.35
C ASP A 380 25.14 -16.52 5.53
N PRO A 381 25.58 -15.90 6.62
CA PRO A 381 26.99 -15.49 6.74
C PRO A 381 27.97 -16.62 6.99
N TYR A 382 27.64 -17.54 7.91
CA TYR A 382 28.59 -18.53 8.41
C TYR A 382 29.88 -17.86 8.91
N THR A 383 29.71 -16.88 9.81
CA THR A 383 30.85 -16.14 10.30
C THR A 383 31.71 -16.96 11.25
N TYR A 384 31.10 -17.72 12.15
CA TYR A 384 31.82 -18.45 13.18
C TYR A 384 31.81 -19.94 12.87
N ILE A 385 32.72 -20.67 13.51
CA ILE A 385 32.89 -22.09 13.21
C ILE A 385 31.71 -22.91 13.72
N LYS A 386 31.20 -22.61 14.92
CA LYS A 386 30.18 -23.43 15.56
C LYS A 386 28.95 -22.59 15.87
N GLY A 387 27.87 -23.28 16.22
CA GLY A 387 26.70 -22.63 16.76
C GLY A 387 25.77 -21.97 15.76
N GLY A 388 25.82 -22.37 14.50
CA GLY A 388 24.92 -21.83 13.51
C GLY A 388 25.40 -20.51 12.94
N CYS A 389 24.51 -19.89 12.16
CA CYS A 389 24.84 -18.65 11.48
C CYS A 389 24.87 -17.48 12.44
N TYR A 390 25.87 -16.62 12.30
CA TYR A 390 25.93 -15.33 12.97
C TYR A 390 26.37 -14.29 11.96
N SER A 391 25.81 -13.10 12.06
CA SER A 391 26.13 -12.04 11.12
C SER A 391 27.19 -11.11 11.68
N ALA A 392 27.65 -10.19 10.85
CA ALA A 392 28.62 -9.20 11.30
C ALA A 392 27.95 -8.16 12.19
N ASN A 393 28.76 -7.49 13.00
CA ASN A 393 28.24 -6.44 13.88
C ASN A 393 27.64 -5.29 13.08
N THR A 394 28.28 -4.92 11.96
CA THR A 394 27.81 -3.78 11.19
C THR A 394 26.46 -4.02 10.52
N LYS A 395 25.98 -5.27 10.51
CA LYS A 395 24.69 -5.59 9.93
C LYS A 395 23.55 -5.53 10.94
N SER A 396 23.81 -5.05 12.15
CA SER A 396 22.76 -4.95 13.16
C SER A 396 21.72 -3.92 12.74
N GLN A 397 20.46 -4.26 12.96
CA GLN A 397 19.33 -3.47 12.49
C GLN A 397 18.46 -3.01 13.66
N LEU A 398 18.09 -1.74 13.64
CA LEU A 398 17.18 -1.15 14.62
C LEU A 398 15.93 -0.66 13.92
N GLN A 399 14.82 -0.67 14.65
CA GLN A 399 13.54 -0.17 14.17
C GLN A 399 13.03 0.89 15.14
N TYR A 400 12.41 1.93 14.57
CA TYR A 400 11.77 2.96 15.36
C TYR A 400 10.68 2.36 16.24
N PHE A 401 10.65 2.77 17.49
CA PHE A 401 9.68 2.27 18.45
C PHE A 401 9.08 3.44 19.23
N ALA A 402 7.78 3.37 19.47
CA ALA A 402 7.12 4.39 20.27
C ALA A 402 7.51 4.24 21.75
N SER A 403 7.25 5.29 22.52
CA SER A 403 7.54 5.26 23.95
C SER A 403 6.70 4.22 24.68
N ASP A 404 5.59 3.79 24.09
CA ASP A 404 4.73 2.79 24.71
C ASP A 404 5.03 1.37 24.25
N GLY A 405 6.01 1.19 23.36
CA GLY A 405 6.43 -0.13 22.93
C GLY A 405 5.92 -0.57 21.57
N ARG A 406 4.95 0.13 21.00
CA ARG A 406 4.46 -0.23 19.67
C ARG A 406 5.45 0.25 18.60
N PRO A 407 5.83 -0.59 17.66
CA PRO A 407 6.73 -0.15 16.59
C PRO A 407 6.07 0.87 15.69
N ILE A 408 6.88 1.64 14.97
CA ILE A 408 6.43 2.69 14.07
C ILE A 408 6.69 2.24 12.64
N ALA A 409 5.71 2.43 11.76
CA ALA A 409 5.80 1.96 10.39
C ALA A 409 5.08 2.91 9.45
N LYS A 410 5.37 2.73 8.16
CA LYS A 410 4.71 3.49 7.11
C LYS A 410 3.30 2.96 6.87
N VAL A 411 2.39 3.87 6.51
CA VAL A 411 1.06 3.51 6.02
C VAL A 411 0.74 4.39 4.83
N TYR A 412 0.14 3.79 3.79
CA TYR A 412 -0.24 4.49 2.58
C TYR A 412 -1.72 4.81 2.52
N ASP A 413 -2.49 4.49 3.57
CA ASP A 413 -3.92 4.75 3.57
C ASP A 413 -4.25 6.19 3.92
N ASN A 414 -3.49 6.80 4.83
CA ASN A 414 -3.72 8.19 5.17
C ASN A 414 -3.28 9.11 4.04
N PRO A 415 -3.92 10.28 3.90
CA PRO A 415 -3.47 11.24 2.89
C PRO A 415 -2.08 11.76 3.21
N ASN A 416 -1.35 12.12 2.15
CA ASN A 416 0.03 12.56 2.32
C ASN A 416 0.09 13.95 2.94
N VAL A 417 1.23 14.25 3.56
CA VAL A 417 1.56 15.58 4.04
C VAL A 417 2.81 16.06 3.32
N TYR A 418 2.71 17.16 2.57
CA TYR A 418 3.84 17.69 1.85
C TYR A 418 4.35 16.66 0.83
N GLY A 419 3.42 15.93 0.22
CA GLY A 419 3.80 14.91 -0.75
C GLY A 419 4.70 13.86 -0.13
N ARG A 420 4.44 13.55 1.14
CA ARG A 420 5.27 12.61 1.88
C ARG A 420 4.43 11.62 2.65
N MET A 421 4.94 10.42 2.85
CA MET A 421 4.20 9.41 3.63
C MET A 421 4.29 9.72 5.12
N GLN A 422 3.44 9.09 5.91
CA GLN A 422 3.42 9.38 7.35
C GLN A 422 3.75 8.17 8.20
N MET A 423 4.57 8.37 9.23
CA MET A 423 4.88 7.27 10.13
C MET A 423 3.83 7.21 11.23
N ILE A 424 3.40 5.99 11.58
CA ILE A 424 2.36 5.82 12.59
C ILE A 424 2.63 4.52 13.35
N LYS A 425 2.15 4.48 14.59
CA LYS A 425 2.28 3.28 15.40
C LYS A 425 1.47 2.14 14.82
N THR A 426 2.07 0.95 14.77
CA THR A 426 1.34 -0.24 14.37
C THR A 426 0.36 -0.65 15.46
N VAL A 427 -0.75 -1.24 15.05
CA VAL A 427 -1.81 -1.67 15.95
C VAL A 427 -1.76 -3.20 16.05
N LYS A 428 -1.83 -3.70 17.28
CA LYS A 428 -1.79 -5.13 17.50
C LYS A 428 -3.01 -5.79 16.87
N PRO A 429 -2.84 -6.88 16.09
CA PRO A 429 -3.94 -7.58 15.43
C PRO A 429 -5.00 -8.09 16.40
#